data_6BU2
#
_entry.id   6BU2
#
_cell.length_a   46.379
_cell.length_b   51.525
_cell.length_c   53.620
_cell.angle_alpha   90.00
_cell.angle_beta   105.66
_cell.angle_gamma   90.00
#
_symmetry.space_group_name_H-M   'P 1 21 1'
#
loop_
_entity.id
_entity.type
_entity.pdbx_description
1 polymer Glyoxalase
2 non-polymer 'SULFATE ION'
3 water water
#
_entity_poly.entity_id   1
_entity_poly.type   'polypeptide(L)'
_entity_poly.pdbx_seq_one_letter_code
;HARHMLATSLVTGLDHVGIAVADLDVAIEWYHDHLGMILVHEEINDDQGIREALLAVPGSAAQIQLMAPLDESSVIAKFL
DKRGPGIQQLACRVSDLDAMCRRLRSQGVRLVYETARRGTANSRINFIHPKDAGGVLIELVEPAPKLAAAL
;
_entity_poly.pdbx_strand_id   A,B
#
# COMPACT_ATOMS: atom_id res chain seq x y z
N HIS A 1 -14.22 11.07 7.84
CA HIS A 1 -14.45 10.23 6.67
C HIS A 1 -13.80 10.84 5.42
N ALA A 2 -12.56 10.41 5.13
CA ALA A 2 -11.74 11.02 4.09
C ALA A 2 -12.37 10.93 2.71
N ARG A 3 -13.33 10.04 2.49
CA ARG A 3 -14.05 10.09 1.23
C ARG A 3 -14.88 11.36 1.10
N HIS A 4 -15.15 12.06 2.21
CA HIS A 4 -15.94 13.29 2.19
C HIS A 4 -15.11 14.55 2.43
N MET A 5 -13.79 14.42 2.33
CA MET A 5 -12.88 15.57 2.49
C MET A 5 -12.52 16.11 1.11
N LEU A 6 -12.62 17.42 0.95
CA LEU A 6 -12.17 18.04 -0.29
C LEU A 6 -10.65 17.98 -0.40
N ALA A 7 -10.16 17.66 -1.58
CA ALA A 7 -8.73 17.45 -1.79
C ALA A 7 -7.97 18.78 -1.89
N THR A 8 -6.67 18.74 -1.55
CA THR A 8 -5.80 19.87 -1.79
C THR A 8 -4.88 19.64 -2.98
N SER A 9 -4.78 18.41 -3.49
CA SER A 9 -3.99 18.04 -4.66
C SER A 9 -4.89 17.47 -5.75
N LEU A 10 -4.27 17.02 -6.83
CA LEU A 10 -4.99 16.31 -7.88
C LEU A 10 -5.08 14.80 -7.61
N VAL A 11 -4.64 14.37 -6.44
CA VAL A 11 -4.81 12.97 -6.03
C VAL A 11 -6.28 12.74 -5.69
N THR A 12 -6.84 11.65 -6.21
CA THR A 12 -8.24 11.32 -5.97
C THR A 12 -8.40 10.01 -5.23
N GLY A 13 -7.31 9.37 -4.86
CA GLY A 13 -7.35 8.14 -4.10
C GLY A 13 -6.11 7.31 -4.35
N LEU A 14 -6.10 6.11 -3.79
CA LEU A 14 -5.01 5.16 -4.00
C LEU A 14 -5.38 4.24 -5.17
N ASP A 15 -4.55 4.23 -6.21
CA ASP A 15 -4.84 3.37 -7.34
C ASP A 15 -4.52 1.91 -7.04
N HIS A 16 -3.34 1.65 -6.49
CA HIS A 16 -2.96 0.27 -6.20
C HIS A 16 -1.73 0.25 -5.32
N VAL A 17 -1.47 -0.93 -4.75
CA VAL A 17 -0.21 -1.21 -4.08
C VAL A 17 0.49 -2.29 -4.89
N GLY A 18 1.72 -2.02 -5.29
CA GLY A 18 2.50 -2.94 -6.11
C GLY A 18 3.38 -3.81 -5.24
N ILE A 19 3.23 -5.12 -5.41
CA ILE A 19 3.95 -6.13 -4.63
C ILE A 19 4.78 -6.98 -5.59
N ALA A 20 6.09 -6.97 -5.41
CA ALA A 20 6.94 -7.88 -6.17
C ALA A 20 6.89 -9.29 -5.58
N VAL A 21 6.60 -10.27 -6.41
CA VAL A 21 6.50 -11.66 -5.96
C VAL A 21 7.41 -12.54 -6.81
N ALA A 22 7.73 -13.71 -6.26
CA ALA A 22 8.63 -14.63 -6.93
C ALA A 22 7.93 -15.32 -8.10
N ASP A 23 6.87 -16.06 -7.79
CA ASP A 23 6.11 -16.81 -8.79
C ASP A 23 4.70 -16.26 -8.79
N LEU A 24 4.32 -15.60 -9.89
CA LEU A 24 3.08 -14.85 -9.93
C LEU A 24 1.85 -15.74 -9.81
N ASP A 25 1.86 -16.87 -10.50
CA ASP A 25 0.72 -17.77 -10.48
C ASP A 25 0.35 -18.28 -9.09
N VAL A 26 1.34 -18.74 -8.34
CA VAL A 26 1.07 -19.21 -6.98
C VAL A 26 0.61 -18.03 -6.11
N ALA A 27 1.19 -16.86 -6.32
CA ALA A 27 0.82 -15.71 -5.51
C ALA A 27 -0.63 -15.31 -5.73
N ILE A 28 -1.09 -15.31 -6.99
CA ILE A 28 -2.48 -14.95 -7.31
C ILE A 28 -3.45 -15.83 -6.54
N GLU A 29 -3.24 -17.15 -6.61
CA GLU A 29 -4.13 -18.07 -5.93
C GLU A 29 -4.08 -17.88 -4.41
N TRP A 30 -2.90 -17.59 -3.87
CA TRP A 30 -2.74 -17.43 -2.44
C TRP A 30 -3.50 -16.20 -1.93
N TYR A 31 -3.31 -15.05 -2.61
CA TYR A 31 -4.09 -13.86 -2.28
C TYR A 31 -5.58 -14.10 -2.46
N HIS A 32 -5.97 -14.89 -3.47
CA HIS A 32 -7.40 -15.16 -3.63
C HIS A 32 -7.92 -16.07 -2.52
N ASP A 33 -7.24 -17.20 -2.29
CA ASP A 33 -7.73 -18.18 -1.32
C ASP A 33 -7.83 -17.58 0.06
N HIS A 34 -6.80 -16.86 0.50
CA HIS A 34 -6.67 -16.47 1.89
C HIS A 34 -7.19 -15.08 2.20
N LEU A 35 -7.25 -14.18 1.22
CA LEU A 35 -7.75 -12.83 1.47
C LEU A 35 -9.00 -12.51 0.66
N GLY A 36 -9.46 -13.42 -0.18
CA GLY A 36 -10.65 -13.18 -0.95
C GLY A 36 -10.49 -12.17 -2.07
N MET A 37 -9.27 -11.86 -2.47
CA MET A 37 -9.03 -10.96 -3.57
C MET A 37 -9.35 -11.67 -4.89
N ILE A 38 -9.70 -10.92 -5.90
CA ILE A 38 -10.17 -11.48 -7.17
C ILE A 38 -9.26 -10.98 -8.28
N LEU A 39 -8.71 -11.92 -9.07
CA LEU A 39 -7.96 -11.62 -10.29
C LEU A 39 -8.85 -10.91 -11.31
N VAL A 40 -8.57 -9.63 -11.55
CA VAL A 40 -9.42 -8.80 -12.39
C VAL A 40 -8.79 -8.67 -13.76
N HIS A 41 -7.47 -8.76 -13.81
CA HIS A 41 -6.77 -8.42 -15.03
C HIS A 41 -5.34 -8.93 -14.95
N GLU A 42 -4.79 -9.28 -16.11
CA GLU A 42 -3.42 -9.75 -16.19
C GLU A 42 -2.82 -9.21 -17.48
N GLU A 43 -1.56 -8.75 -17.44
CA GLU A 43 -0.98 -8.20 -18.66
C GLU A 43 0.52 -8.06 -18.50
N ILE A 44 1.19 -7.79 -19.62
CA ILE A 44 2.62 -7.57 -19.71
C ILE A 44 2.87 -6.08 -19.91
N ASN A 45 3.75 -5.51 -19.09
CA ASN A 45 4.27 -4.16 -19.33
C ASN A 45 5.66 -4.34 -19.93
N ASP A 46 5.80 -4.20 -21.23
CA ASP A 46 7.10 -4.38 -21.87
C ASP A 46 8.07 -3.27 -21.53
N ASP A 47 7.50 -2.08 -21.37
CA ASP A 47 8.26 -0.89 -21.04
C ASP A 47 8.96 -1.13 -19.73
N GLN A 48 8.18 -1.47 -18.71
CA GLN A 48 8.77 -1.70 -17.40
C GLN A 48 9.45 -3.08 -17.26
N GLY A 49 9.19 -4.00 -18.17
CA GLY A 49 9.74 -5.31 -18.03
C GLY A 49 9.11 -6.15 -16.95
N ILE A 50 7.81 -6.05 -16.80
CA ILE A 50 7.14 -6.87 -15.80
C ILE A 50 5.86 -7.54 -16.26
N ARG A 51 5.51 -8.62 -15.59
CA ARG A 51 4.29 -9.35 -15.85
C ARG A 51 3.44 -9.01 -14.62
N GLU A 52 2.23 -8.57 -14.84
CA GLU A 52 1.38 -8.12 -13.75
C GLU A 52 0.03 -8.72 -13.65
N ALA A 53 -0.44 -8.83 -12.41
CA ALA A 53 -1.78 -9.34 -12.10
C ALA A 53 -2.49 -8.34 -11.20
N LEU A 54 -3.65 -7.88 -11.64
CA LEU A 54 -4.43 -6.89 -10.90
C LEU A 54 -5.48 -7.62 -10.09
N LEU A 55 -5.48 -7.41 -8.78
CA LEU A 55 -6.45 -8.03 -7.87
C LEU A 55 -7.37 -6.96 -7.31
N ALA A 56 -8.69 -7.18 -7.46
CA ALA A 56 -9.65 -6.31 -6.80
C ALA A 56 -9.80 -6.74 -5.35
N VAL A 57 -10.11 -5.77 -4.50
CA VAL A 57 -10.32 -6.00 -3.06
C VAL A 57 -11.77 -5.62 -2.79
N PRO A 58 -12.71 -6.57 -2.85
CA PRO A 58 -14.14 -6.22 -2.78
C PRO A 58 -14.43 -5.39 -1.53
N GLY A 59 -15.18 -4.30 -1.72
CA GLY A 59 -15.38 -3.28 -0.71
C GLY A 59 -14.46 -2.07 -0.82
N SER A 60 -13.49 -2.10 -1.73
CA SER A 60 -12.49 -1.04 -1.83
C SER A 60 -12.14 -0.77 -3.29
N ALA A 61 -11.84 0.49 -3.58
CA ALA A 61 -11.46 0.88 -4.94
C ALA A 61 -9.99 0.65 -5.24
N ALA A 62 -9.13 0.55 -4.23
CA ALA A 62 -7.71 0.31 -4.46
C ALA A 62 -7.46 -1.17 -4.73
N GLN A 63 -6.50 -1.44 -5.62
CA GLN A 63 -6.15 -2.79 -6.05
C GLN A 63 -4.78 -3.19 -5.52
N ILE A 64 -4.55 -4.49 -5.53
CA ILE A 64 -3.23 -5.08 -5.29
C ILE A 64 -2.67 -5.45 -6.66
N GLN A 65 -1.52 -4.89 -7.01
CA GLN A 65 -0.85 -5.24 -8.26
C GLN A 65 0.33 -6.16 -7.96
N LEU A 66 0.15 -7.46 -8.22
CA LEU A 66 1.25 -8.41 -8.11
C LEU A 66 2.13 -8.33 -9.35
N MET A 67 3.44 -8.30 -9.15
CA MET A 67 4.39 -8.07 -10.25
C MET A 67 5.52 -9.08 -10.19
N ALA A 68 5.89 -9.59 -11.37
CA ALA A 68 7.02 -10.51 -11.50
C ALA A 68 7.88 -10.07 -12.68
N PRO A 69 9.19 -10.25 -12.58
CA PRO A 69 10.07 -9.76 -13.66
C PRO A 69 9.91 -10.59 -14.92
N LEU A 70 9.92 -9.90 -16.06
CA LEU A 70 9.98 -10.56 -17.36
C LEU A 70 11.38 -11.03 -17.67
N ASP A 71 12.38 -10.16 -17.44
CA ASP A 71 13.79 -10.51 -17.56
C ASP A 71 14.54 -9.81 -16.44
N GLU A 72 15.86 -10.06 -16.37
CA GLU A 72 16.67 -9.51 -15.29
C GLU A 72 16.90 -8.00 -15.40
N SER A 73 16.55 -7.36 -16.52
CA SER A 73 16.63 -5.90 -16.63
C SER A 73 15.42 -5.20 -16.03
N SER A 74 14.43 -5.97 -15.59
CA SER A 74 13.24 -5.43 -14.93
C SER A 74 13.60 -4.62 -13.68
N VAL A 75 12.80 -3.57 -13.42
CA VAL A 75 12.91 -2.87 -12.15
C VAL A 75 12.58 -3.80 -11.00
N ILE A 76 11.78 -4.84 -11.26
CA ILE A 76 11.39 -5.78 -10.23
C ILE A 76 12.48 -6.82 -9.98
N ALA A 77 13.28 -7.15 -11.00
CA ALA A 77 14.40 -8.08 -10.83
C ALA A 77 15.40 -7.55 -9.81
N LYS A 78 15.78 -6.29 -9.93
CA LYS A 78 16.67 -5.66 -8.95
C LYS A 78 16.09 -5.84 -7.55
N PHE A 79 14.85 -5.39 -7.36
CA PHE A 79 14.18 -5.50 -6.06
C PHE A 79 14.22 -6.93 -5.51
N LEU A 80 13.80 -7.89 -6.34
CA LEU A 80 13.73 -9.28 -5.88
C LEU A 80 15.10 -9.84 -5.53
N ASP A 81 16.12 -9.50 -6.32
CA ASP A 81 17.46 -10.04 -6.07
C ASP A 81 18.05 -9.50 -4.76
N LYS A 82 17.75 -8.23 -4.42
CA LYS A 82 18.36 -7.64 -3.23
C LYS A 82 17.65 -8.05 -1.93
N ARG A 83 16.32 -8.17 -1.95
CA ARG A 83 15.58 -8.39 -0.71
C ARG A 83 14.44 -9.39 -0.85
N GLY A 84 14.32 -10.10 -1.97
CA GLY A 84 13.24 -11.02 -2.18
C GLY A 84 11.92 -10.29 -2.30
N PRO A 85 10.81 -11.04 -2.28
CA PRO A 85 9.50 -10.41 -2.46
C PRO A 85 9.22 -9.33 -1.42
N GLY A 86 8.36 -8.39 -1.78
CA GLY A 86 8.10 -7.26 -0.91
C GLY A 86 7.19 -6.27 -1.60
N ILE A 87 6.74 -5.30 -0.81
CA ILE A 87 5.91 -4.22 -1.35
C ILE A 87 6.82 -3.20 -2.02
N GLN A 88 6.61 -2.96 -3.30
CA GLN A 88 7.57 -2.19 -4.08
C GLN A 88 7.07 -0.82 -4.53
N GLN A 89 5.77 -0.58 -4.55
CA GLN A 89 5.34 0.74 -4.98
C GLN A 89 3.97 1.06 -4.40
N LEU A 90 3.75 2.34 -4.19
CA LEU A 90 2.46 2.92 -3.82
C LEU A 90 2.00 3.81 -4.98
N ALA A 91 0.81 3.54 -5.50
CA ALA A 91 0.31 4.27 -6.67
C ALA A 91 -0.89 5.11 -6.27
N CYS A 92 -0.76 6.43 -6.44
CA CYS A 92 -1.86 7.36 -6.24
C CYS A 92 -2.62 7.55 -7.55
N ARG A 93 -3.95 7.51 -7.47
CA ARG A 93 -4.78 7.89 -8.61
C ARG A 93 -4.87 9.39 -8.69
N VAL A 94 -4.76 9.91 -9.91
CA VAL A 94 -4.70 11.36 -10.10
C VAL A 94 -5.64 11.71 -11.25
N SER A 95 -6.22 12.92 -11.19
CA SER A 95 -7.21 13.30 -12.18
C SER A 95 -6.56 13.88 -13.44
N ASP A 96 -5.40 14.51 -13.28
CA ASP A 96 -4.68 15.11 -14.40
C ASP A 96 -3.20 14.89 -14.15
N LEU A 97 -2.61 13.89 -14.80
CA LEU A 97 -1.23 13.55 -14.51
C LEU A 97 -0.30 14.69 -14.93
N ASP A 98 -0.50 15.21 -16.14
CA ASP A 98 0.26 16.37 -16.61
C ASP A 98 0.25 17.50 -15.59
N ALA A 99 -0.94 17.87 -15.13
CA ALA A 99 -1.04 19.00 -14.22
C ALA A 99 -0.30 18.73 -12.91
N MET A 100 -0.48 17.54 -12.35
CA MET A 100 0.22 17.24 -11.11
C MET A 100 1.73 17.21 -11.29
N CYS A 101 2.19 16.66 -12.41
CA CYS A 101 3.63 16.59 -12.64
C CYS A 101 4.23 17.98 -12.80
N ARG A 102 3.56 18.88 -13.53
CA ARG A 102 4.03 20.26 -13.62
C ARG A 102 4.07 20.91 -12.24
N ARG A 103 3.04 20.68 -11.44
CA ARG A 103 2.98 21.21 -10.08
C ARG A 103 4.12 20.65 -9.21
N LEU A 104 4.35 19.33 -9.28
CA LEU A 104 5.44 18.73 -8.52
C LEU A 104 6.79 19.32 -8.91
N ARG A 105 7.06 19.46 -10.20
CA ARG A 105 8.32 20.06 -10.62
C ARG A 105 8.44 21.51 -10.17
N SER A 106 7.32 22.25 -10.10
CA SER A 106 7.37 23.60 -9.58
C SER A 106 7.71 23.61 -8.09
N GLN A 107 7.39 22.53 -7.39
CA GLN A 107 7.68 22.40 -5.96
C GLN A 107 9.05 21.81 -5.69
N GLY A 108 9.85 21.57 -6.74
CA GLY A 108 11.19 21.06 -6.56
C GLY A 108 11.30 19.55 -6.50
N VAL A 109 10.25 18.80 -6.83
CA VAL A 109 10.26 17.35 -6.76
C VAL A 109 10.50 16.80 -8.18
N ARG A 110 11.46 15.89 -8.29
CA ARG A 110 11.76 15.28 -9.58
C ARG A 110 10.77 14.16 -9.91
N LEU A 111 10.50 14.00 -11.21
CA LEU A 111 9.76 12.85 -11.73
C LEU A 111 10.67 12.01 -12.62
N VAL A 112 10.38 10.72 -12.69
CA VAL A 112 11.30 9.81 -13.37
C VAL A 112 11.25 10.02 -14.88
N TYR A 113 10.06 10.23 -15.44
CA TYR A 113 9.87 10.32 -16.88
C TYR A 113 9.63 11.77 -17.29
N GLU A 114 10.23 12.18 -18.41
CA GLU A 114 9.84 13.45 -19.02
C GLU A 114 8.42 13.38 -19.55
N THR A 115 8.06 12.25 -20.13
CA THR A 115 6.75 12.01 -20.71
C THR A 115 6.13 10.81 -20.01
N ALA A 116 4.83 10.88 -19.72
CA ALA A 116 4.13 9.76 -19.12
C ALA A 116 4.30 8.50 -19.96
N ARG A 117 4.37 7.36 -19.28
CA ARG A 117 4.36 6.06 -19.94
C ARG A 117 2.97 5.43 -19.81
N ARG A 118 2.79 4.25 -20.39
CA ARG A 118 1.54 3.52 -20.26
C ARG A 118 1.68 2.47 -19.16
N GLY A 119 0.76 2.51 -18.19
CA GLY A 119 0.65 1.49 -17.16
C GLY A 119 -0.46 0.51 -17.47
N THR A 120 -0.95 -0.16 -16.42
CA THR A 120 -2.00 -1.16 -16.58
C THR A 120 -3.26 -0.54 -17.16
N ALA A 121 -3.96 -1.29 -18.02
CA ALA A 121 -5.20 -0.85 -18.66
C ALA A 121 -5.02 0.45 -19.43
N ASN A 122 -3.87 0.59 -20.09
CA ASN A 122 -3.51 1.77 -20.89
C ASN A 122 -3.65 3.09 -20.10
N SER A 123 -3.55 3.01 -18.77
CA SER A 123 -3.43 4.20 -17.95
C SER A 123 -2.13 4.93 -18.29
N ARG A 124 -2.10 6.24 -18.01
CA ARG A 124 -0.88 7.03 -18.13
C ARG A 124 -0.27 7.24 -16.75
N ILE A 125 1.05 7.09 -16.67
CA ILE A 125 1.74 7.01 -15.38
C ILE A 125 3.04 7.79 -15.43
N ASN A 126 3.48 8.22 -14.25
CA ASN A 126 4.84 8.67 -13.99
C ASN A 126 5.18 8.25 -12.57
N PHE A 127 6.42 8.48 -12.15
CA PHE A 127 6.87 8.18 -10.79
C PHE A 127 7.57 9.40 -10.22
N ILE A 128 7.30 9.71 -8.94
CA ILE A 128 8.19 10.59 -8.23
C ILE A 128 9.54 9.92 -8.14
N HIS A 129 10.59 10.68 -8.40
CA HIS A 129 11.91 10.09 -8.30
C HIS A 129 12.11 9.50 -6.90
N PRO A 130 12.39 8.21 -6.78
CA PRO A 130 12.41 7.58 -5.45
C PRO A 130 13.40 8.20 -4.48
N LYS A 131 14.51 8.76 -4.96
CA LYS A 131 15.44 9.33 -4.01
C LYS A 131 14.99 10.69 -3.50
N ASP A 132 14.03 11.33 -4.17
CA ASP A 132 13.39 12.52 -3.62
C ASP A 132 12.42 12.17 -2.50
N ALA A 133 11.88 10.97 -2.52
CA ALA A 133 10.92 10.49 -1.55
C ALA A 133 11.54 9.53 -0.56
N GLY A 134 12.85 9.63 -0.35
CA GLY A 134 13.56 8.77 0.58
C GLY A 134 13.44 7.29 0.31
N GLY A 135 13.74 6.87 -0.93
CA GLY A 135 13.72 5.48 -1.31
C GLY A 135 12.35 4.88 -1.57
N VAL A 136 11.28 5.59 -1.25
CA VAL A 136 9.94 5.09 -1.51
C VAL A 136 9.54 5.40 -2.95
N LEU A 137 9.03 4.39 -3.65
CA LEU A 137 8.59 4.55 -5.04
C LEU A 137 7.10 4.88 -5.08
N ILE A 138 6.77 6.09 -5.48
CA ILE A 138 5.41 6.57 -5.57
C ILE A 138 5.06 6.75 -7.04
N GLU A 139 4.06 6.01 -7.49
CA GLU A 139 3.58 6.13 -8.86
C GLU A 139 2.36 7.05 -8.86
N LEU A 140 2.18 7.80 -9.95
CA LEU A 140 1.01 8.63 -10.18
C LEU A 140 0.31 8.05 -11.39
N VAL A 141 -0.99 7.77 -11.26
CA VAL A 141 -1.72 7.00 -12.27
C VAL A 141 -2.96 7.78 -12.69
N GLU A 142 -3.08 8.07 -13.99
CA GLU A 142 -4.31 8.60 -14.54
C GLU A 142 -4.98 7.52 -15.37
N PRO A 143 -6.11 6.98 -14.95
CA PRO A 143 -6.75 5.96 -15.76
C PRO A 143 -7.17 6.54 -17.10
N ALA A 144 -7.05 5.75 -18.12
CA ALA A 144 -7.46 6.29 -19.40
C ALA A 144 -8.97 6.12 -19.55
N PRO A 145 -9.63 7.02 -20.26
CA PRO A 145 -11.04 6.79 -20.58
C PRO A 145 -11.16 5.57 -21.48
N LYS A 146 -12.23 4.80 -21.29
CA LYS A 146 -12.35 3.56 -22.05
C LYS A 146 -12.35 3.83 -23.55
N LEU A 147 -12.91 4.97 -23.98
CA LEU A 147 -12.86 5.31 -25.41
C LEU A 147 -11.43 5.36 -25.92
N ALA A 148 -10.51 5.94 -25.11
CA ALA A 148 -9.12 6.10 -25.54
C ALA A 148 -8.50 4.79 -25.95
N ALA A 149 -8.82 3.70 -25.23
CA ALA A 149 -8.30 2.38 -25.60
C ALA A 149 -8.72 1.99 -27.01
N ALA A 150 -10.00 2.12 -27.32
CA ALA A 150 -10.49 1.89 -28.67
C ALA A 150 -10.01 2.97 -29.64
N HIS B 1 -15.70 -0.14 -9.52
CA HIS B 1 -16.69 -1.15 -9.20
C HIS B 1 -16.40 -2.08 -8.05
N ALA B 2 -15.15 -2.39 -7.76
CA ALA B 2 -14.91 -3.32 -6.67
C ALA B 2 -15.48 -2.83 -5.34
N ARG B 3 -15.83 -1.54 -5.23
CA ARG B 3 -16.47 -1.05 -4.01
C ARG B 3 -17.87 -1.63 -3.85
N HIS B 4 -18.48 -2.11 -4.95
CA HIS B 4 -19.83 -2.67 -4.90
C HIS B 4 -19.83 -4.17 -5.19
N MET B 5 -18.69 -4.83 -5.06
CA MET B 5 -18.63 -6.28 -5.12
C MET B 5 -18.77 -6.86 -3.71
N LEU B 6 -19.66 -7.84 -3.58
CA LEU B 6 -19.79 -8.58 -2.33
C LEU B 6 -18.55 -9.43 -2.11
N ALA B 7 -17.99 -9.32 -0.91
CA ALA B 7 -16.75 -9.99 -0.58
C ALA B 7 -16.97 -11.48 -0.33
N THR B 8 -15.91 -12.27 -0.57
CA THR B 8 -15.93 -13.69 -0.21
C THR B 8 -15.12 -13.98 1.04
N SER B 9 -14.43 -12.98 1.57
CA SER B 9 -13.65 -13.10 2.81
C SER B 9 -14.17 -12.06 3.80
N LEU B 10 -13.51 -11.99 4.94
CA LEU B 10 -13.87 -10.98 5.92
C LEU B 10 -13.11 -9.66 5.71
N VAL B 11 -12.36 -9.57 4.62
CA VAL B 11 -11.70 -8.32 4.24
C VAL B 11 -12.74 -7.38 3.65
N THR B 12 -12.85 -6.21 4.21
CA THR B 12 -13.76 -5.24 3.74
C THR B 12 -13.07 -4.13 3.03
N GLY B 13 -11.75 -4.21 2.93
CA GLY B 13 -10.98 -3.19 2.27
C GLY B 13 -9.54 -3.05 2.71
N LEU B 14 -8.91 -2.00 2.23
CA LEU B 14 -7.54 -1.69 2.54
C LEU B 14 -7.55 -0.70 3.66
N ASP B 15 -6.98 -1.04 4.78
CA ASP B 15 -6.94 -0.12 5.92
C ASP B 15 -5.86 0.93 5.74
N HIS B 16 -4.63 0.50 5.49
CA HIS B 16 -3.56 1.46 5.26
C HIS B 16 -2.39 0.77 4.57
N VAL B 17 -1.48 1.61 4.09
CA VAL B 17 -0.14 1.20 3.65
C VAL B 17 0.85 1.81 4.64
N GLY B 18 1.69 0.96 5.25
CA GLY B 18 2.65 1.41 6.24
C GLY B 18 4.02 1.66 5.63
N ILE B 19 4.55 2.86 5.87
CA ILE B 19 5.82 3.30 5.30
C ILE B 19 6.76 3.66 6.43
N ALA B 20 7.91 2.98 6.48
CA ALA B 20 8.99 3.31 7.40
C ALA B 20 9.74 4.54 6.89
N VAL B 21 9.83 5.59 7.72
CA VAL B 21 10.56 6.78 7.35
C VAL B 21 11.62 7.08 8.41
N ALA B 22 12.58 7.91 8.03
CA ALA B 22 13.67 8.24 8.94
C ALA B 22 13.28 9.35 9.91
N ASP B 23 12.53 10.35 9.44
CA ASP B 23 12.13 11.49 10.28
C ASP B 23 10.65 11.74 10.03
N LEU B 24 9.84 11.52 11.08
CA LEU B 24 8.39 11.51 10.91
C LEU B 24 7.86 12.88 10.53
N ASP B 25 8.31 13.93 11.22
CA ASP B 25 7.70 15.24 11.01
C ASP B 25 7.98 15.79 9.63
N VAL B 26 9.18 15.58 9.10
CA VAL B 26 9.47 16.08 7.77
C VAL B 26 8.75 15.24 6.72
N ALA B 27 8.61 13.93 6.95
CA ALA B 27 7.83 13.10 6.05
C ALA B 27 6.38 13.53 6.02
N ILE B 28 5.80 13.85 7.18
CA ILE B 28 4.42 14.32 7.23
C ILE B 28 4.24 15.54 6.33
N GLU B 29 5.12 16.55 6.50
CA GLU B 29 5.02 17.76 5.69
C GLU B 29 5.23 17.46 4.21
N TRP B 30 6.14 16.53 3.91
CA TRP B 30 6.42 16.19 2.51
C TRP B 30 5.19 15.57 1.85
N TYR B 31 4.61 14.54 2.49
CA TYR B 31 3.43 13.89 1.94
C TYR B 31 2.26 14.86 1.85
N HIS B 32 2.11 15.74 2.85
CA HIS B 32 1.01 16.71 2.78
C HIS B 32 1.25 17.71 1.65
N ASP B 33 2.45 18.30 1.60
CA ASP B 33 2.69 19.37 0.64
C ASP B 33 2.62 18.87 -0.79
N HIS B 34 3.18 17.69 -1.04
CA HIS B 34 3.35 17.21 -2.41
C HIS B 34 2.24 16.30 -2.89
N LEU B 35 1.64 15.51 -2.00
CA LEU B 35 0.55 14.62 -2.40
C LEU B 35 -0.81 15.03 -1.87
N GLY B 36 -0.90 16.07 -1.08
CA GLY B 36 -2.17 16.50 -0.55
C GLY B 36 -2.76 15.65 0.55
N MET B 37 -1.96 14.76 1.12
CA MET B 37 -2.42 13.90 2.19
C MET B 37 -2.55 14.72 3.45
N ILE B 38 -3.52 14.41 4.28
CA ILE B 38 -3.80 15.16 5.47
C ILE B 38 -3.60 14.39 6.75
N LEU B 39 -2.80 14.91 7.65
CA LEU B 39 -2.56 14.25 8.93
C LEU B 39 -3.84 14.22 9.74
N VAL B 40 -4.34 13.01 10.01
CA VAL B 40 -5.55 12.87 10.82
C VAL B 40 -5.28 12.30 12.19
N HIS B 41 -4.11 11.70 12.43
CA HIS B 41 -3.86 11.11 13.73
C HIS B 41 -2.36 10.93 13.90
N GLU B 42 -1.89 11.12 15.13
CA GLU B 42 -0.50 10.84 15.46
C GLU B 42 -0.47 10.19 16.83
N GLU B 43 0.30 9.13 16.97
CA GLU B 43 0.36 8.47 18.26
C GLU B 43 1.67 7.72 18.39
N ILE B 44 1.88 7.22 19.61
CA ILE B 44 3.03 6.41 19.98
C ILE B 44 2.54 5.01 20.32
N ASN B 45 3.14 4.00 19.68
CA ASN B 45 2.88 2.59 19.99
C ASN B 45 4.07 2.12 20.82
N ASP B 46 3.89 2.13 22.13
CA ASP B 46 4.92 1.74 23.08
C ASP B 46 5.29 0.26 22.96
N ASP B 47 4.30 -0.58 22.65
CA ASP B 47 4.56 -2.00 22.50
C ASP B 47 5.54 -2.25 21.36
N GLN B 48 5.19 -1.78 20.18
CA GLN B 48 6.06 -1.93 19.02
C GLN B 48 7.17 -0.87 18.97
N GLY B 49 7.19 0.08 19.91
CA GLY B 49 8.23 1.10 19.95
C GLY B 49 8.35 1.94 18.68
N ILE B 50 7.24 2.45 18.17
CA ILE B 50 7.26 3.31 16.99
C ILE B 50 6.37 4.52 17.26
N ARG B 51 6.70 5.63 16.62
CA ARG B 51 5.77 6.74 16.54
C ARG B 51 5.15 6.75 15.15
N GLU B 52 3.86 7.05 15.09
CA GLU B 52 3.11 6.86 13.86
C GLU B 52 2.33 8.12 13.55
N ALA B 53 2.04 8.31 12.26
CA ALA B 53 1.19 9.38 11.78
C ALA B 53 0.28 8.81 10.71
N LEU B 54 -1.02 9.00 10.86
CA LEU B 54 -2.00 8.49 9.91
C LEU B 54 -2.40 9.62 8.98
N LEU B 55 -2.24 9.40 7.68
CA LEU B 55 -2.55 10.41 6.67
C LEU B 55 -3.75 9.96 5.87
N ALA B 56 -4.76 10.80 5.83
CA ALA B 56 -5.89 10.54 4.96
C ALA B 56 -5.53 10.92 3.54
N VAL B 57 -6.15 10.23 2.60
CA VAL B 57 -6.05 10.53 1.18
C VAL B 57 -7.43 10.98 0.73
N PRO B 58 -7.69 12.29 0.67
CA PRO B 58 -9.04 12.77 0.41
C PRO B 58 -9.56 12.19 -0.90
N GLY B 59 -10.81 11.72 -0.87
CA GLY B 59 -11.37 10.92 -1.93
C GLY B 59 -11.19 9.43 -1.77
N SER B 60 -10.55 8.97 -0.70
CA SER B 60 -10.24 7.57 -0.52
C SER B 60 -10.48 7.16 0.93
N ALA B 61 -10.68 5.87 1.14
CA ALA B 61 -10.82 5.33 2.48
C ALA B 61 -9.51 4.79 3.03
N ALA B 62 -8.55 4.45 2.18
CA ALA B 62 -7.30 3.90 2.68
C ALA B 62 -6.38 5.04 3.13
N GLN B 63 -5.52 4.71 4.09
CA GLN B 63 -4.64 5.71 4.65
C GLN B 63 -3.19 5.36 4.35
N ILE B 64 -2.33 6.36 4.50
CA ILE B 64 -0.89 6.16 4.59
C ILE B 64 -0.50 6.24 6.06
N GLN B 65 0.21 5.23 6.55
CA GLN B 65 0.67 5.19 7.93
C GLN B 65 2.19 5.34 7.93
N LEU B 66 2.67 6.54 8.20
CA LEU B 66 4.10 6.77 8.34
C LEU B 66 4.57 6.31 9.71
N MET B 67 5.73 5.64 9.74
CA MET B 67 6.19 5.06 11.00
C MET B 67 7.68 5.32 11.17
N ALA B 68 8.06 5.74 12.37
CA ALA B 68 9.46 5.96 12.65
C ALA B 68 9.81 5.23 13.92
N PRO B 69 11.02 4.69 14.04
CA PRO B 69 11.36 3.93 15.25
C PRO B 69 11.60 4.83 16.44
N LEU B 70 11.07 4.41 17.58
CA LEU B 70 11.43 5.01 18.86
C LEU B 70 12.61 4.32 19.50
N ASP B 71 12.57 2.99 19.57
CA ASP B 71 13.67 2.20 20.08
C ASP B 71 14.35 1.45 18.95
N GLU B 72 15.65 1.20 19.11
CA GLU B 72 16.37 0.35 18.17
C GLU B 72 15.83 -1.07 18.17
N SER B 73 15.04 -1.44 19.19
CA SER B 73 14.46 -2.77 19.25
C SER B 73 13.27 -2.96 18.31
N SER B 74 12.79 -1.90 17.65
CA SER B 74 11.54 -2.01 16.93
C SER B 74 11.75 -2.65 15.57
N VAL B 75 10.68 -3.25 15.03
CA VAL B 75 10.75 -3.81 13.69
C VAL B 75 11.04 -2.72 12.65
N ILE B 76 10.55 -1.50 12.90
CA ILE B 76 10.80 -0.43 11.94
C ILE B 76 12.29 -0.06 11.92
N ALA B 77 12.95 -0.07 13.07
CA ALA B 77 14.37 0.25 13.12
C ALA B 77 15.20 -0.75 12.33
N LYS B 78 14.92 -2.05 12.50
CA LYS B 78 15.63 -3.07 11.71
C LYS B 78 15.42 -2.86 10.22
N PHE B 79 14.16 -2.61 9.83
CA PHE B 79 13.86 -2.34 8.43
C PHE B 79 14.70 -1.17 7.90
N LEU B 80 14.88 -0.12 8.70
CA LEU B 80 15.60 1.06 8.24
C LEU B 80 17.11 0.81 8.15
N ASP B 81 17.67 0.00 9.05
CA ASP B 81 19.11 -0.25 8.98
C ASP B 81 19.46 -1.03 7.73
N LYS B 82 18.61 -2.00 7.34
CA LYS B 82 18.91 -2.86 6.20
C LYS B 82 18.64 -2.16 4.87
N ARG B 83 17.47 -1.53 4.71
CA ARG B 83 17.07 -1.04 3.40
C ARG B 83 16.77 0.45 3.36
N GLY B 84 16.93 1.17 4.48
CA GLY B 84 16.50 2.55 4.55
C GLY B 84 14.99 2.65 4.55
N PRO B 85 14.46 3.85 4.32
CA PRO B 85 13.00 3.99 4.27
C PRO B 85 12.38 3.16 3.16
N GLY B 86 11.15 2.73 3.37
CA GLY B 86 10.47 1.99 2.33
C GLY B 86 9.10 1.57 2.80
N ILE B 87 8.36 0.93 1.89
CA ILE B 87 7.03 0.46 2.23
C ILE B 87 7.15 -0.86 2.99
N GLN B 88 6.62 -0.90 4.21
CA GLN B 88 6.91 -2.00 5.12
C GLN B 88 5.72 -2.90 5.41
N GLN B 89 4.49 -2.44 5.17
CA GLN B 89 3.36 -3.30 5.49
C GLN B 89 2.15 -2.89 4.66
N LEU B 90 1.35 -3.89 4.34
CA LEU B 90 0.04 -3.74 3.72
C LEU B 90 -1.01 -4.16 4.75
N ALA B 91 -1.98 -3.31 5.04
CA ALA B 91 -2.95 -3.61 6.10
C ALA B 91 -4.36 -3.72 5.51
N CYS B 92 -4.93 -4.93 5.62
CA CYS B 92 -6.31 -5.18 5.21
C CYS B 92 -7.27 -4.89 6.35
N ARG B 93 -8.32 -4.11 6.06
CA ARG B 93 -9.38 -3.92 7.03
C ARG B 93 -10.28 -5.16 7.04
N VAL B 94 -10.66 -5.60 8.22
CA VAL B 94 -11.46 -6.81 8.35
C VAL B 94 -12.64 -6.55 9.28
N SER B 95 -13.78 -7.18 9.00
CA SER B 95 -14.95 -6.91 9.83
C SER B 95 -14.96 -7.72 11.13
N ASP B 96 -14.18 -8.81 11.21
CA ASP B 96 -14.14 -9.65 12.42
C ASP B 96 -12.78 -10.31 12.47
N LEU B 97 -11.86 -9.73 13.24
CA LEU B 97 -10.47 -10.17 13.22
C LEU B 97 -10.34 -11.60 13.72
N ASP B 98 -11.04 -11.92 14.80
CA ASP B 98 -10.92 -13.25 15.38
C ASP B 98 -11.42 -14.31 14.41
N ALA B 99 -12.58 -14.06 13.78
CA ALA B 99 -13.09 -14.99 12.79
C ALA B 99 -12.13 -15.14 11.62
N MET B 100 -11.57 -14.02 11.14
CA MET B 100 -10.56 -14.09 10.07
C MET B 100 -9.37 -14.93 10.48
N CYS B 101 -8.87 -14.72 11.70
CA CYS B 101 -7.68 -15.42 12.14
C CYS B 101 -7.92 -16.93 12.25
N ARG B 102 -9.06 -17.32 12.83
CA ARG B 102 -9.38 -18.74 12.90
C ARG B 102 -9.52 -19.36 11.51
N ARG B 103 -10.11 -18.62 10.56
CA ARG B 103 -10.19 -19.11 9.18
C ARG B 103 -8.80 -19.29 8.59
N LEU B 104 -7.95 -18.28 8.75
CA LEU B 104 -6.58 -18.37 8.24
C LEU B 104 -5.81 -19.54 8.85
N ARG B 105 -5.95 -19.76 10.16
CA ARG B 105 -5.23 -20.87 10.80
C ARG B 105 -5.74 -22.23 10.32
N SER B 106 -7.06 -22.36 10.13
CA SER B 106 -7.57 -23.62 9.61
C SER B 106 -7.25 -23.80 8.13
N GLN B 107 -6.88 -22.72 7.43
CA GLN B 107 -6.38 -22.82 6.06
C GLN B 107 -4.88 -23.07 5.99
N GLY B 108 -4.22 -23.23 7.13
CA GLY B 108 -2.79 -23.50 7.14
C GLY B 108 -1.90 -22.27 7.10
N VAL B 109 -2.43 -21.08 7.40
CA VAL B 109 -1.65 -19.84 7.43
C VAL B 109 -1.47 -19.41 8.87
N ARG B 110 -0.24 -19.10 9.25
CA ARG B 110 0.11 -18.69 10.60
C ARG B 110 -0.12 -17.21 10.81
N LEU B 111 -0.46 -16.85 12.05
CA LEU B 111 -0.56 -15.46 12.49
C LEU B 111 0.55 -15.18 13.50
N VAL B 112 0.98 -13.92 13.56
CA VAL B 112 2.12 -13.61 14.40
C VAL B 112 1.74 -13.68 15.88
N TYR B 113 0.60 -13.10 16.25
CA TYR B 113 0.18 -13.02 17.66
C TYR B 113 -0.87 -14.09 17.96
N GLU B 114 -0.82 -14.65 19.18
CA GLU B 114 -1.91 -15.52 19.62
C GLU B 114 -3.20 -14.74 19.82
N THR B 115 -3.08 -13.57 20.43
CA THR B 115 -4.19 -12.67 20.70
C THR B 115 -3.93 -11.36 19.97
N ALA B 116 -4.99 -10.75 19.44
CA ALA B 116 -4.89 -9.43 18.83
C ALA B 116 -4.23 -8.43 19.77
N ARG B 117 -3.43 -7.52 19.19
CA ARG B 117 -2.91 -6.37 19.91
C ARG B 117 -3.73 -5.13 19.54
N ARG B 118 -3.44 -4.04 20.23
CA ARG B 118 -3.99 -2.74 19.83
C ARG B 118 -3.06 -2.12 18.79
N GLY B 119 -3.65 -1.70 17.70
CA GLY B 119 -2.97 -1.00 16.63
C GLY B 119 -3.24 0.48 16.79
N THR B 120 -3.05 1.25 15.73
CA THR B 120 -3.24 2.67 15.83
C THR B 120 -4.63 2.82 16.31
N ALA B 121 -4.79 3.75 17.26
CA ALA B 121 -6.11 4.13 17.75
C ALA B 121 -7.04 3.00 18.15
N ASN B 122 -6.56 2.15 19.04
CA ASN B 122 -7.34 1.05 19.54
C ASN B 122 -7.69 -0.06 18.55
N SER B 123 -7.69 0.17 17.24
CA SER B 123 -7.99 -0.97 16.46
C SER B 123 -7.32 -2.18 17.02
N ARG B 124 -7.91 -3.34 16.75
CA ARG B 124 -7.40 -4.64 17.14
C ARG B 124 -6.69 -5.15 15.89
N ILE B 125 -5.49 -5.70 16.04
CA ILE B 125 -4.65 -6.08 14.91
C ILE B 125 -3.97 -7.42 15.13
N ASN B 126 -3.61 -8.06 14.01
CA ASN B 126 -2.69 -9.18 13.96
C ASN B 126 -1.96 -9.10 12.62
N PHE B 127 -0.98 -9.98 12.43
CA PHE B 127 -0.23 -10.03 11.18
C PHE B 127 -0.18 -11.47 10.69
N ILE B 128 -0.41 -11.66 9.39
CA ILE B 128 -0.04 -12.94 8.79
C ILE B 128 1.46 -13.10 8.92
N HIS B 129 1.91 -14.29 9.28
CA HIS B 129 3.33 -14.50 9.43
C HIS B 129 4.02 -14.18 8.10
N PRO B 130 5.00 -13.28 8.08
CA PRO B 130 5.57 -12.85 6.80
C PRO B 130 6.21 -13.97 6.01
N LYS B 131 6.79 -14.97 6.69
CA LYS B 131 7.35 -16.10 5.94
C LYS B 131 6.25 -16.88 5.23
N ASP B 132 5.05 -16.92 5.81
CA ASP B 132 3.92 -17.56 5.15
C ASP B 132 3.41 -16.79 3.94
N ALA B 133 3.67 -15.48 3.88
CA ALA B 133 3.23 -14.63 2.78
C ALA B 133 4.38 -14.23 1.86
N GLY B 134 5.40 -15.08 1.77
CA GLY B 134 6.54 -14.83 0.92
C GLY B 134 7.25 -13.52 1.16
N GLY B 135 7.55 -13.21 2.43
CA GLY B 135 8.30 -12.02 2.79
C GLY B 135 7.50 -10.75 2.95
N VAL B 136 6.24 -10.73 2.52
CA VAL B 136 5.38 -9.54 2.60
C VAL B 136 4.70 -9.52 3.96
N LEU B 137 4.72 -8.38 4.63
CA LEU B 137 4.06 -8.24 5.92
C LEU B 137 2.63 -7.73 5.70
N ILE B 138 1.64 -8.58 5.99
CA ILE B 138 0.24 -8.24 5.82
C ILE B 138 -0.40 -8.14 7.20
N GLU B 139 -0.88 -6.94 7.54
CA GLU B 139 -1.63 -6.71 8.77
C GLU B 139 -3.12 -6.87 8.52
N LEU B 140 -3.81 -7.38 9.53
CA LEU B 140 -5.28 -7.43 9.56
C LEU B 140 -5.75 -6.47 10.64
N VAL B 141 -6.62 -5.54 10.26
CA VAL B 141 -7.04 -4.44 11.13
C VAL B 141 -8.56 -4.46 11.30
N GLU B 142 -9.02 -4.61 12.54
CA GLU B 142 -10.43 -4.40 12.87
C GLU B 142 -10.57 -3.11 13.64
N PRO B 143 -11.23 -2.09 13.10
CA PRO B 143 -11.45 -0.87 13.86
C PRO B 143 -12.21 -1.16 15.14
N ALA B 144 -11.81 -0.49 16.21
CA ALA B 144 -12.48 -0.77 17.46
C ALA B 144 -13.64 0.19 17.67
N PRO B 145 -14.72 -0.28 18.31
CA PRO B 145 -15.80 0.65 18.68
C PRO B 145 -15.27 1.83 19.48
N LYS B 146 -15.83 3.01 19.21
CA LYS B 146 -15.36 4.22 19.88
C LYS B 146 -15.52 4.11 21.40
N LEU B 147 -16.55 3.41 21.86
CA LEU B 147 -16.71 3.22 23.31
C LEU B 147 -15.55 2.43 23.90
N ALA B 148 -15.00 1.46 23.16
CA ALA B 148 -13.90 0.66 23.69
C ALA B 148 -12.72 1.52 24.10
N ALA B 149 -12.37 2.51 23.28
CA ALA B 149 -11.20 3.35 23.57
C ALA B 149 -11.38 4.16 24.84
N ALA B 150 -12.63 4.51 25.19
CA ALA B 150 -12.88 5.35 26.36
C ALA B 150 -12.83 4.57 27.66
N LEU B 151 -13.06 3.26 27.62
CA LEU B 151 -13.03 2.43 28.82
C LEU B 151 -11.61 1.92 29.10
#